data_6HWT
#
_entry.id   6HWT
#
_cell.length_a   69.510
_cell.length_b   69.810
_cell.length_c   74.570
_cell.angle_alpha   90.00
_cell.angle_beta   90.00
_cell.angle_gamma   90.00
#
_symmetry.space_group_name_H-M   'P 21 21 21'
#
loop_
_entity.id
_entity.type
_entity.pdbx_description
1 polymer 'Mitogen-activated protein kinase 14'
2 non-polymer 'octyl beta-D-glucopyranoside'
3 non-polymer 3-(2,5-dimethoxyphenyl)-~{N}-[4-[4-(4-fluorophenyl)-2-(2-phenylhydrazinyl)-1,3-thiazol-5-yl]pyridin-2-yl]propanamide
4 water water
#
_entity_poly.entity_id   1
_entity_poly.type   'polypeptide(L)'
_entity_poly.pdbx_seq_one_letter_code
;GSHSQERPTFYRQELNKTIWEVPERYQNLSPVGSGAYGSVCAAFDTKTGLRVAVKKLSRPFQSIIHAKRTYRELRLLKHM
KHENVIGLLDVFTPARSLEEFNDVYLVTHLMGADLNNIVKCQKLTDDHVQFLIYQILRGLKYIHSADIIHRDLKPSNLAV
NEDCELKILDFGLARHTDDEMTGYVATRWYRAPEIMLNWMHYNQTVDIWSVGCIMAELLTGRTLFPGTDHIDQLKLILRL
VGTPGAELLKKISSESARNYIQSLTQMPKMNFANVFIGANPLAVDLLEKMLVLDSDKRITAAQALAHAYFAQYHDPDDEP
VADPYDQSFESRDLLIDEWKSLTYDEVISFVPPPLDQEEMES
;
_entity_poly.pdbx_strand_id   A
#
loop_
_chem_comp.id
_chem_comp.type
_chem_comp.name
_chem_comp.formula
BOG D-saccharide 'octyl beta-D-glucopyranoside' 'C14 H28 O6'
GXH non-polymer 3-(2,5-dimethoxyphenyl)-~{N}-[4-[4-(4-fluorophenyl)-2-(2-phenylhydrazinyl)-1,3-thiazol-5-yl]pyridin-2-yl]propanamide 'C31 H28 F N5 O3 S'
#
# COMPACT_ATOMS: atom_id res chain seq x y z
N ARG A 7 25.06 -18.08 11.88
CA ARG A 7 24.75 -19.49 12.14
C ARG A 7 24.51 -20.28 10.84
N PRO A 8 23.61 -19.84 9.95
CA PRO A 8 23.43 -20.58 8.69
C PRO A 8 24.67 -20.51 7.83
N THR A 9 24.77 -21.44 6.89
CA THR A 9 25.85 -21.44 5.92
C THR A 9 25.42 -20.64 4.70
N PHE A 10 26.27 -19.71 4.27
CA PHE A 10 26.00 -18.80 3.18
C PHE A 10 26.77 -19.20 1.94
N TYR A 11 26.20 -18.91 0.77
CA TYR A 11 26.92 -19.09 -0.49
C TYR A 11 26.82 -17.81 -1.31
N ARG A 12 27.80 -17.64 -2.19
CA ARG A 12 27.96 -16.44 -2.99
C ARG A 12 27.59 -16.73 -4.44
N GLN A 13 26.89 -15.78 -5.06
CA GLN A 13 26.51 -15.91 -6.46
C GLN A 13 26.38 -14.51 -7.05
N GLU A 14 26.93 -14.30 -8.24
CA GLU A 14 26.84 -12.99 -8.88
C GLU A 14 25.48 -12.86 -9.56
N LEU A 15 24.69 -11.89 -9.10
CA LEU A 15 23.35 -11.65 -9.60
C LEU A 15 23.10 -10.15 -9.63
N ASN A 16 22.38 -9.69 -10.64
CA ASN A 16 22.10 -8.26 -10.81
C ASN A 16 23.37 -7.44 -10.70
N LYS A 17 24.45 -7.99 -11.26
CA LYS A 17 25.76 -7.35 -11.38
C LYS A 17 26.43 -7.06 -10.02
N THR A 18 26.01 -7.74 -8.95
CA THR A 18 26.73 -7.70 -7.67
C THR A 18 26.77 -9.10 -7.09
N ILE A 19 27.64 -9.28 -6.10
CA ILE A 19 27.76 -10.57 -5.42
C ILE A 19 26.69 -10.65 -4.34
N TRP A 20 25.73 -11.55 -4.52
CA TRP A 20 24.75 -11.87 -3.48
C TRP A 20 25.33 -12.94 -2.55
N GLU A 21 24.96 -12.85 -1.28
CA GLU A 21 25.42 -13.81 -0.28
C GLU A 21 24.25 -14.18 0.60
N VAL A 22 23.73 -15.40 0.43
CA VAL A 22 22.47 -15.80 1.05
C VAL A 22 22.61 -17.16 1.75
N PRO A 23 21.79 -17.43 2.77
CA PRO A 23 21.77 -18.77 3.36
C PRO A 23 21.38 -19.83 2.34
N GLU A 24 21.91 -21.04 2.55
CA GLU A 24 21.74 -22.09 1.55
C GLU A 24 20.30 -22.58 1.45
N ARG A 25 19.44 -22.26 2.43
CA ARG A 25 18.02 -22.60 2.31
C ARG A 25 17.41 -21.97 1.06
N TYR A 26 17.90 -20.80 0.65
CA TYR A 26 17.36 -20.10 -0.50
C TYR A 26 18.10 -20.56 -1.75
N GLN A 27 17.42 -21.31 -2.60
CA GLN A 27 18.00 -21.98 -3.75
C GLN A 27 17.50 -21.36 -5.04
N ASN A 28 18.29 -21.58 -6.10
CA ASN A 28 17.88 -21.25 -7.46
C ASN A 28 17.51 -19.78 -7.60
N LEU A 29 18.42 -18.91 -7.18
CA LEU A 29 18.20 -17.47 -7.30
C LEU A 29 18.14 -17.08 -8.78
N SER A 30 17.12 -16.29 -9.14
CA SER A 30 16.97 -15.85 -10.53
C SER A 30 16.54 -14.38 -10.51
N PRO A 31 17.15 -13.53 -11.32
CA PRO A 31 16.89 -12.09 -11.20
C PRO A 31 15.44 -11.76 -11.55
N VAL A 32 14.86 -10.86 -10.77
CA VAL A 32 13.52 -10.37 -11.02
C VAL A 32 13.54 -8.94 -11.55
N GLY A 33 14.41 -8.10 -11.01
CA GLY A 33 14.57 -6.75 -11.49
C GLY A 33 15.38 -5.93 -10.50
N SER A 34 15.71 -4.71 -10.93
CA SER A 34 16.42 -3.77 -10.06
C SER A 34 15.69 -2.43 -10.02
N ALA A 36 15.63 0.87 -7.57
CA ALA A 36 15.61 2.00 -6.66
C ALA A 36 16.14 1.61 -5.29
N TYR A 37 15.25 1.07 -4.45
CA TYR A 37 15.67 0.65 -3.11
C TYR A 37 16.59 -0.56 -3.15
N GLY A 38 16.40 -1.44 -4.11
CA GLY A 38 17.27 -2.61 -4.21
C GLY A 38 16.94 -3.42 -5.45
N SER A 39 17.63 -4.55 -5.57
CA SER A 39 17.39 -5.51 -6.63
C SER A 39 16.75 -6.75 -6.03
N VAL A 40 15.90 -7.41 -6.82
CA VAL A 40 15.07 -8.50 -6.34
C VAL A 40 15.41 -9.76 -7.14
N CYS A 41 15.50 -10.89 -6.45
CA CYS A 41 15.58 -12.20 -7.06
C CYS A 41 14.44 -13.07 -6.55
N ALA A 42 13.98 -13.97 -7.40
CA ALA A 42 13.14 -15.06 -6.93
C ALA A 42 14.03 -16.21 -6.48
N ALA A 43 13.51 -17.00 -5.53
CA ALA A 43 14.25 -18.16 -5.05
C ALA A 43 13.24 -19.16 -4.50
N PHE A 44 13.74 -20.35 -4.22
CA PHE A 44 12.95 -21.39 -3.55
C PHE A 44 13.52 -21.56 -2.15
N ASP A 45 12.65 -21.39 -1.16
CA ASP A 45 13.03 -21.59 0.24
C ASP A 45 12.81 -23.06 0.58
N THR A 46 13.90 -23.82 0.61
CA THR A 46 13.80 -25.26 0.84
C THR A 46 13.33 -25.58 2.25
N LYS A 47 13.57 -24.68 3.21
CA LYS A 47 13.18 -24.94 4.59
C LYS A 47 11.67 -24.90 4.77
N THR A 48 10.99 -24.03 4.02
CA THR A 48 9.54 -23.89 4.11
C THR A 48 8.80 -24.44 2.91
N GLY A 49 9.50 -24.73 1.81
CA GLY A 49 8.84 -25.11 0.58
C GLY A 49 8.13 -23.98 -0.14
N LEU A 50 8.50 -22.73 0.14
CA LEU A 50 7.85 -21.57 -0.44
C LEU A 50 8.71 -20.97 -1.54
N ARG A 51 8.05 -20.51 -2.60
CA ARG A 51 8.69 -19.59 -3.54
C ARG A 51 8.77 -18.22 -2.89
N VAL A 52 9.96 -17.63 -2.85
CA VAL A 52 10.18 -16.39 -2.14
C VAL A 52 10.83 -15.36 -3.06
N ALA A 53 10.67 -14.10 -2.70
CA ALA A 53 11.40 -13.00 -3.32
C ALA A 53 12.40 -12.48 -2.30
N VAL A 54 13.65 -12.32 -2.73
CA VAL A 54 14.71 -11.80 -1.90
C VAL A 54 15.12 -10.44 -2.45
N LYS A 55 15.10 -9.41 -1.60
CA LYS A 55 15.52 -8.08 -1.99
C LYS A 55 16.82 -7.73 -1.28
N LYS A 56 17.85 -7.44 -2.06
CA LYS A 56 19.10 -6.90 -1.54
C LYS A 56 19.02 -5.38 -1.63
N LEU A 57 18.95 -4.72 -0.47
CA LEU A 57 18.89 -3.26 -0.47
CA LEU A 57 18.89 -3.26 -0.48
C LEU A 57 20.16 -2.68 -1.08
N SER A 58 19.99 -1.61 -1.85
CA SER A 58 21.10 -0.92 -2.50
C SER A 58 21.54 0.25 -1.64
N ARG A 59 22.85 0.34 -1.40
CA ARG A 59 23.47 1.42 -0.64
C ARG A 59 22.69 1.73 0.66
N PRO A 60 22.44 0.72 1.49
CA PRO A 60 21.52 0.94 2.62
C PRO A 60 22.03 1.90 3.68
N PHE A 61 23.35 2.09 3.78
CA PHE A 61 23.92 2.96 4.80
C PHE A 61 24.89 3.96 4.20
N GLN A 62 24.67 4.34 2.94
CA GLN A 62 25.54 5.32 2.29
C GLN A 62 25.43 6.68 2.96
N SER A 63 24.25 7.02 3.45
CA SER A 63 23.97 8.35 3.98
C SER A 63 22.99 8.23 5.14
N ILE A 64 22.81 9.34 5.86
CA ILE A 64 21.78 9.40 6.89
C ILE A 64 20.42 9.12 6.30
N ILE A 65 20.14 9.69 5.11
CA ILE A 65 18.85 9.48 4.45
C ILE A 65 18.65 8.01 4.13
N HIS A 66 19.66 7.39 3.50
CA HIS A 66 19.60 5.96 3.19
CA HIS A 66 19.53 5.97 3.18
C HIS A 66 19.42 5.12 4.44
N ALA A 67 20.24 5.41 5.46
CA ALA A 67 20.23 4.58 6.67
C ALA A 67 18.89 4.65 7.38
N LYS A 68 18.32 5.86 7.49
CA LYS A 68 17.02 6.00 8.12
C LYS A 68 15.94 5.31 7.29
N ARG A 69 16.02 5.42 5.97
CA ARG A 69 15.06 4.73 5.10
C ARG A 69 15.14 3.22 5.28
N THR A 70 16.35 2.68 5.39
CA THR A 70 16.52 1.24 5.61
C THR A 70 15.88 0.81 6.92
N TYR A 71 16.11 1.59 7.97
CA TYR A 71 15.51 1.29 9.27
C TYR A 71 14.00 1.39 9.20
N ARG A 72 13.49 2.43 8.52
CA ARG A 72 12.05 2.61 8.40
C ARG A 72 11.41 1.41 7.73
N GLU A 73 12.00 0.96 6.62
CA GLU A 73 11.45 -0.15 5.86
C GLU A 73 11.47 -1.45 6.66
N LEU A 74 12.59 -1.72 7.34
CA LEU A 74 12.66 -2.94 8.15
C LEU A 74 11.68 -2.90 9.31
N ARG A 75 11.60 -1.76 10.02
CA ARG A 75 10.64 -1.63 11.11
C ARG A 75 9.22 -1.87 10.61
N LEU A 76 8.86 -1.30 9.47
CA LEU A 76 7.51 -1.44 8.96
C LEU A 76 7.20 -2.88 8.59
N LEU A 77 8.09 -3.52 7.85
CA LEU A 77 7.86 -4.90 7.42
C LEU A 77 7.82 -5.85 8.59
N LYS A 78 8.65 -5.59 9.62
CA LYS A 78 8.62 -6.44 10.81
C LYS A 78 7.32 -6.30 11.57
N HIS A 79 6.66 -5.14 11.49
CA HIS A 79 5.45 -4.94 12.29
C HIS A 79 4.21 -5.49 11.60
N MET A 80 4.18 -5.55 10.27
CA MET A 80 2.99 -5.94 9.53
C MET A 80 2.82 -7.46 9.61
N LYS A 81 1.80 -7.90 10.35
CA LYS A 81 1.49 -9.33 10.50
C LYS A 81 -0.01 -9.49 10.28
N HIS A 82 -0.41 -9.58 9.02
CA HIS A 82 -1.82 -9.64 8.65
C HIS A 82 -1.94 -10.33 7.29
N GLU A 83 -3.03 -11.10 7.12
CA GLU A 83 -3.21 -11.88 5.89
C GLU A 83 -3.30 -11.02 4.64
N ASN A 84 -3.77 -9.78 4.76
CA ASN A 84 -3.98 -8.92 3.59
C ASN A 84 -2.94 -7.81 3.50
N VAL A 85 -1.80 -7.95 4.18
CA VAL A 85 -0.71 -7.00 4.10
C VAL A 85 0.57 -7.78 3.86
N ILE A 86 1.46 -7.24 3.03
CA ILE A 86 2.75 -7.90 2.83
C ILE A 86 3.48 -8.02 4.16
N GLY A 87 4.08 -9.19 4.38
CA GLY A 87 4.79 -9.46 5.61
C GLY A 87 6.18 -9.98 5.32
N LEU A 88 6.99 -10.01 6.38
CA LEU A 88 8.39 -10.38 6.28
C LEU A 88 8.54 -11.86 6.64
N LEU A 89 9.02 -12.67 5.70
CA LEU A 89 9.34 -14.06 6.00
C LEU A 89 10.71 -14.20 6.65
N ASP A 90 11.65 -13.35 6.25
CA ASP A 90 13.01 -13.44 6.77
C ASP A 90 13.72 -12.12 6.49
N VAL A 91 14.72 -11.83 7.30
CA VAL A 91 15.67 -10.76 7.03
C VAL A 91 17.02 -11.28 7.48
N PHE A 92 18.06 -11.03 6.68
CA PHE A 92 19.36 -11.57 7.04
C PHE A 92 20.47 -10.68 6.51
N THR A 93 21.67 -10.92 7.03
CA THR A 93 22.90 -10.28 6.61
C THR A 93 24.01 -11.32 6.70
N PRO A 94 24.96 -11.32 5.76
CA PRO A 94 26.13 -12.19 5.91
C PRO A 94 27.04 -11.78 7.04
N ALA A 95 26.92 -10.55 7.54
CA ALA A 95 27.82 -10.06 8.59
C ALA A 95 27.69 -10.88 9.87
N ARG A 96 28.82 -11.12 10.52
CA ARG A 96 28.86 -11.81 11.80
C ARG A 96 28.79 -10.84 12.98
N SER A 97 28.90 -9.54 12.73
CA SER A 97 28.94 -8.56 13.81
C SER A 97 28.51 -7.21 13.26
N LEU A 98 28.24 -6.28 14.18
CA LEU A 98 27.91 -4.92 13.79
C LEU A 98 29.04 -4.26 13.00
N GLU A 99 30.29 -4.59 13.33
CA GLU A 99 31.43 -3.91 12.70
C GLU A 99 31.49 -4.18 11.20
N GLU A 100 31.13 -5.39 10.78
CA GLU A 100 31.18 -5.76 9.36
C GLU A 100 29.80 -5.73 8.70
N PHE A 101 28.84 -5.05 9.30
CA PHE A 101 27.47 -5.00 8.82
C PHE A 101 27.35 -3.95 7.70
N ASN A 102 27.14 -4.41 6.47
CA ASN A 102 26.93 -3.50 5.33
C ASN A 102 25.76 -3.88 4.44
N ASP A 103 25.30 -5.12 4.43
CA ASP A 103 24.26 -5.56 3.51
C ASP A 103 23.04 -6.03 4.28
N VAL A 104 21.86 -5.78 3.71
CA VAL A 104 20.58 -6.19 4.28
C VAL A 104 19.78 -6.87 3.18
N TYR A 105 19.23 -8.05 3.49
CA TYR A 105 18.39 -8.80 2.56
C TYR A 105 17.02 -9.02 3.20
N LEU A 106 15.96 -8.76 2.45
CA LEU A 106 14.60 -8.95 2.89
C LEU A 106 13.94 -10.05 2.09
N VAL A 107 13.13 -10.89 2.74
CA VAL A 107 12.49 -12.04 2.11
C VAL A 107 10.99 -11.99 2.38
N THR A 108 10.19 -12.17 1.32
CA THR A 108 8.75 -12.33 1.46
CA THR A 108 8.75 -12.28 1.41
C THR A 108 8.27 -13.35 0.44
N HIS A 109 6.97 -13.60 0.43
CA HIS A 109 6.40 -14.51 -0.55
C HIS A 109 6.63 -13.97 -1.95
N LEU A 110 6.89 -14.88 -2.89
CA LEU A 110 7.00 -14.47 -4.28
C LEU A 110 5.61 -14.20 -4.83
N MET A 111 5.38 -12.99 -5.31
CA MET A 111 4.10 -12.62 -5.89
CA MET A 111 4.10 -12.57 -5.89
C MET A 111 4.22 -12.54 -7.41
N GLY A 112 3.19 -13.02 -8.09
CA GLY A 112 3.24 -13.11 -9.54
C GLY A 112 2.26 -12.23 -10.27
N ALA A 113 1.37 -11.56 -9.54
CA ALA A 113 0.32 -10.78 -10.19
C ALA A 113 -0.16 -9.67 -9.26
N ASP A 114 -0.41 -8.51 -9.84
CA ASP A 114 -1.08 -7.42 -9.15
C ASP A 114 -2.52 -7.31 -9.66
N LEU A 115 -3.27 -6.39 -9.05
CA LEU A 115 -4.69 -6.28 -9.38
C LEU A 115 -4.92 -5.93 -10.84
N ASN A 116 -4.04 -5.11 -11.44
CA ASN A 116 -4.13 -4.87 -12.88
C ASN A 116 -4.11 -6.16 -13.68
N ASN A 117 -3.21 -7.10 -13.30
CA ASN A 117 -3.12 -8.37 -14.01
C ASN A 117 -4.39 -9.19 -13.87
N ILE A 118 -5.10 -9.05 -12.74
CA ILE A 118 -6.32 -9.82 -12.54
C ILE A 118 -7.50 -9.20 -13.28
N VAL A 119 -7.53 -7.87 -13.41
CA VAL A 119 -8.66 -7.16 -13.99
C VAL A 119 -8.59 -7.13 -15.51
N LYS A 120 -7.45 -6.70 -16.06
CA LYS A 120 -7.24 -6.68 -17.51
C LYS A 120 -8.30 -5.86 -18.23
N CYS A 121 -8.70 -4.74 -17.62
CA CYS A 121 -9.68 -3.82 -18.20
C CYS A 121 -11.03 -4.49 -18.43
N GLN A 122 -11.37 -5.48 -17.61
CA GLN A 122 -12.65 -6.15 -17.69
C GLN A 122 -13.53 -5.76 -16.50
N LYS A 123 -14.84 -5.83 -16.70
CA LYS A 123 -15.76 -5.78 -15.57
C LYS A 123 -15.65 -7.08 -14.80
N LEU A 124 -15.53 -6.99 -13.48
CA LEU A 124 -15.56 -8.18 -12.66
C LEU A 124 -17.00 -8.44 -12.19
N THR A 125 -17.28 -9.70 -11.86
CA THR A 125 -18.56 -10.02 -11.26
C THR A 125 -18.68 -9.34 -9.91
N ASP A 126 -19.93 -9.07 -9.50
CA ASP A 126 -20.14 -8.35 -8.24
C ASP A 126 -19.60 -9.14 -7.06
N ASP A 127 -19.79 -10.46 -7.07
CA ASP A 127 -19.23 -11.30 -6.01
CA ASP A 127 -19.24 -11.31 -6.01
C ASP A 127 -17.72 -11.18 -5.95
N HIS A 128 -17.07 -11.11 -7.12
CA HIS A 128 -15.62 -10.97 -7.16
C HIS A 128 -15.18 -9.61 -6.62
N VAL A 129 -15.90 -8.54 -6.98
CA VAL A 129 -15.58 -7.21 -6.46
C VAL A 129 -15.72 -7.19 -4.95
N GLN A 130 -16.82 -7.76 -4.44
CA GLN A 130 -17.01 -7.84 -2.99
C GLN A 130 -15.80 -8.46 -2.31
N PHE A 131 -15.34 -9.59 -2.84
CA PHE A 131 -14.23 -10.32 -2.21
C PHE A 131 -12.94 -9.51 -2.25
N LEU A 132 -12.65 -8.87 -3.38
CA LEU A 132 -11.40 -8.11 -3.50
C LEU A 132 -11.43 -6.88 -2.59
N ILE A 133 -12.50 -6.07 -2.68
CA ILE A 133 -12.59 -4.85 -1.88
C ILE A 133 -12.64 -5.19 -0.40
N TYR A 134 -13.32 -6.29 -0.06
CA TYR A 134 -13.37 -6.72 1.34
C TYR A 134 -11.96 -6.94 1.89
N GLN A 135 -11.11 -7.62 1.11
CA GLN A 135 -9.75 -7.90 1.58
C GLN A 135 -8.92 -6.63 1.67
N ILE A 136 -9.09 -5.70 0.73
CA ILE A 136 -8.39 -4.42 0.82
C ILE A 136 -8.79 -3.70 2.10
N LEU A 137 -10.09 -3.62 2.37
CA LEU A 137 -10.56 -2.93 3.57
C LEU A 137 -10.12 -3.64 4.83
N ARG A 138 -10.09 -4.97 4.82
CA ARG A 138 -9.60 -5.73 5.97
C ARG A 138 -8.15 -5.36 6.28
N GLY A 139 -7.30 -5.36 5.24
CA GLY A 139 -5.93 -4.94 5.44
C GLY A 139 -5.79 -3.49 5.85
N LEU A 140 -6.66 -2.62 5.30
CA LEU A 140 -6.58 -1.20 5.65
C LEU A 140 -6.99 -0.96 7.09
N LYS A 141 -8.01 -1.67 7.57
CA LYS A 141 -8.38 -1.55 8.99
C LYS A 141 -7.18 -1.84 9.87
N TYR A 142 -6.43 -2.90 9.54
CA TYR A 142 -5.22 -3.25 10.30
C TYR A 142 -4.17 -2.14 10.20
N ILE A 143 -3.84 -1.73 8.98
CA ILE A 143 -2.84 -0.69 8.79
C ILE A 143 -3.23 0.59 9.50
N HIS A 144 -4.49 1.01 9.37
CA HIS A 144 -4.93 2.24 9.99
C HIS A 144 -4.94 2.14 11.52
N SER A 145 -5.17 0.94 12.06
CA SER A 145 -5.17 0.77 13.51
C SER A 145 -3.77 0.92 14.11
N ALA A 146 -2.73 0.78 13.29
CA ALA A 146 -1.35 1.08 13.70
C ALA A 146 -0.99 2.54 13.50
N ASP A 147 -1.97 3.40 13.17
CA ASP A 147 -1.74 4.81 12.90
C ASP A 147 -0.81 5.01 11.71
N ILE A 148 -0.98 4.17 10.70
CA ILE A 148 -0.26 4.26 9.44
C ILE A 148 -1.22 4.66 8.35
N ILE A 149 -0.80 5.57 7.47
CA ILE A 149 -1.55 5.92 6.27
C ILE A 149 -0.74 5.44 5.07
N HIS A 150 -1.39 4.71 4.15
CA HIS A 150 -0.67 4.22 2.98
C HIS A 150 -0.29 5.37 2.06
N ARG A 151 -1.26 6.20 1.68
CA ARG A 151 -1.14 7.44 0.93
CA ARG A 151 -1.07 7.43 0.94
C ARG A 151 -0.93 7.24 -0.57
N ASP A 152 -0.64 6.03 -1.05
CA ASP A 152 -0.47 5.83 -2.48
C ASP A 152 -1.06 4.47 -2.91
N LEU A 153 -2.26 4.18 -2.40
CA LEU A 153 -2.93 2.93 -2.74
C LEU A 153 -3.42 2.93 -4.18
N LYS A 154 -3.18 1.83 -4.88
CA LYS A 154 -3.52 1.72 -6.29
C LYS A 154 -3.37 0.25 -6.72
N PRO A 155 -3.95 -0.14 -7.86
CA PRO A 155 -3.92 -1.55 -8.26
C PRO A 155 -2.52 -2.14 -8.35
N SER A 156 -1.52 -1.36 -8.78
CA SER A 156 -0.17 -1.90 -8.87
C SER A 156 0.44 -2.17 -7.49
N ASN A 157 -0.15 -1.63 -6.42
CA ASN A 157 0.28 -1.90 -5.06
C ASN A 157 -0.56 -2.96 -4.37
N LEU A 158 -1.30 -3.76 -5.14
CA LEU A 158 -2.16 -4.79 -4.58
C LEU A 158 -1.86 -6.11 -5.31
N ALA A 159 -1.27 -7.05 -4.60
CA ALA A 159 -0.95 -8.34 -5.18
C ALA A 159 -2.08 -9.33 -4.91
N VAL A 160 -2.23 -10.30 -5.81
CA VAL A 160 -3.28 -11.31 -5.71
C VAL A 160 -2.69 -12.64 -6.14
N ASN A 161 -2.69 -13.63 -5.26
CA ASN A 161 -2.13 -14.93 -5.59
C ASN A 161 -3.17 -15.79 -6.32
N GLU A 162 -2.86 -17.06 -6.56
CA GLU A 162 -3.75 -17.93 -7.32
C GLU A 162 -5.03 -18.28 -6.55
N ASP A 163 -5.00 -18.20 -5.22
CA ASP A 163 -6.20 -18.38 -4.41
C ASP A 163 -7.07 -17.12 -4.34
N CYS A 164 -6.66 -16.06 -5.04
CA CYS A 164 -7.31 -14.75 -4.99
C CYS A 164 -7.24 -14.15 -3.58
N GLU A 165 -6.21 -14.49 -2.81
CA GLU A 165 -5.94 -13.73 -1.60
C GLU A 165 -5.12 -12.50 -1.96
N LEU A 166 -5.55 -11.35 -1.47
CA LEU A 166 -4.97 -10.07 -1.81
C LEU A 166 -4.08 -9.57 -0.69
N LYS A 167 -2.95 -8.95 -1.07
CA LYS A 167 -2.06 -8.33 -0.09
C LYS A 167 -1.74 -6.90 -0.51
N ILE A 168 -1.81 -5.99 0.44
CA ILE A 168 -1.42 -4.60 0.22
C ILE A 168 0.09 -4.50 0.29
N LEU A 169 0.70 -3.90 -0.74
CA LEU A 169 2.13 -3.68 -0.81
C LEU A 169 2.42 -2.20 -0.66
N ASP A 170 3.69 -1.88 -0.37
CA ASP A 170 4.17 -0.52 -0.49
C ASP A 170 5.19 -0.42 -1.63
N PHE A 171 5.01 -1.23 -2.66
CA PHE A 171 5.87 -1.25 -3.84
C PHE A 171 5.08 -1.89 -4.99
N GLY A 172 5.62 -1.74 -6.19
CA GLY A 172 5.10 -2.42 -7.35
C GLY A 172 5.95 -3.62 -7.72
N LEU A 173 5.35 -4.56 -8.43
CA LEU A 173 6.05 -5.75 -8.87
C LEU A 173 6.90 -5.44 -10.11
N ALA A 174 7.83 -6.34 -10.42
CA ALA A 174 8.60 -6.22 -11.64
C ALA A 174 7.68 -6.34 -12.84
N ARG A 175 7.95 -5.54 -13.87
CA ARG A 175 7.06 -5.42 -15.02
C ARG A 175 6.96 -6.72 -15.82
N THR A 187 1.33 6.66 -11.17
CA THR A 187 0.15 7.36 -11.67
C THR A 187 -0.62 7.99 -10.51
N ARG A 188 -1.46 8.97 -10.82
CA ARG A 188 -2.18 9.74 -9.81
C ARG A 188 -3.69 9.51 -9.87
N TRP A 189 -4.14 8.52 -10.64
CA TRP A 189 -5.57 8.33 -10.86
C TRP A 189 -6.33 7.94 -9.60
N TYR A 190 -5.63 7.47 -8.57
CA TYR A 190 -6.27 6.95 -7.36
C TYR A 190 -6.02 7.82 -6.14
N ARG A 191 -5.33 8.94 -6.29
CA ARG A 191 -4.98 9.80 -5.16
C ARG A 191 -6.16 10.67 -4.74
N ALA A 192 -6.30 10.84 -3.42
CA ALA A 192 -7.32 11.73 -2.89
C ALA A 192 -7.05 13.18 -3.32
N PRO A 193 -8.11 13.97 -3.55
CA PRO A 193 -7.90 15.33 -4.04
C PRO A 193 -7.11 16.21 -3.08
N GLU A 194 -7.26 16.02 -1.77
CA GLU A 194 -6.51 16.84 -0.82
C GLU A 194 -5.01 16.58 -0.91
N ILE A 195 -4.62 15.34 -1.23
CA ILE A 195 -3.20 15.04 -1.45
C ILE A 195 -2.69 15.76 -2.70
N MET A 196 -3.51 15.81 -3.76
CA MET A 196 -3.16 16.52 -4.99
CA MET A 196 -2.98 16.50 -4.92
C MET A 196 -2.95 18.02 -4.75
N LEU A 197 -3.53 18.56 -3.68
CA LEU A 197 -3.47 19.97 -3.36
C LEU A 197 -2.50 20.26 -2.22
N ASN A 198 -1.69 19.27 -1.82
CA ASN A 198 -0.68 19.42 -0.78
C ASN A 198 -1.30 20.00 0.50
N TRP A 199 -2.47 19.48 0.85
CA TRP A 199 -3.24 19.98 1.98
C TRP A 199 -2.50 19.76 3.30
N MET A 200 -1.84 18.60 3.43
CA MET A 200 -1.35 18.10 4.71
C MET A 200 -2.51 17.85 5.66
N HIS A 201 -2.22 17.58 6.93
CA HIS A 201 -3.21 17.08 7.91
C HIS A 201 -4.05 15.92 7.35
N TYR A 202 -3.39 14.97 6.70
CA TYR A 202 -4.15 13.95 5.98
C TYR A 202 -4.89 13.01 6.93
N ASN A 203 -6.16 12.77 6.60
CA ASN A 203 -6.97 11.76 7.26
C ASN A 203 -6.58 10.39 6.73
N GLN A 204 -6.78 9.36 7.56
CA GLN A 204 -6.63 8.00 7.06
C GLN A 204 -7.57 7.70 5.92
N THR A 205 -8.67 8.46 5.78
CA THR A 205 -9.59 8.22 4.68
C THR A 205 -9.06 8.69 3.33
N VAL A 206 -7.83 9.20 3.23
CA VAL A 206 -7.24 9.33 1.91
C VAL A 206 -7.13 7.96 1.25
N ASP A 207 -6.89 6.91 2.05
CA ASP A 207 -6.83 5.56 1.50
C ASP A 207 -8.20 5.05 1.09
N ILE A 208 -9.25 5.50 1.79
CA ILE A 208 -10.61 5.10 1.44
C ILE A 208 -11.01 5.70 0.08
N TRP A 209 -10.60 6.94 -0.18
CA TRP A 209 -10.79 7.51 -1.52
C TRP A 209 -10.20 6.59 -2.58
N SER A 210 -8.97 6.13 -2.36
CA SER A 210 -8.30 5.24 -3.30
C SER A 210 -9.08 3.95 -3.49
N VAL A 211 -9.61 3.39 -2.40
CA VAL A 211 -10.41 2.18 -2.51
C VAL A 211 -11.65 2.42 -3.35
N GLY A 212 -12.29 3.59 -3.19
CA GLY A 212 -13.44 3.90 -4.01
C GLY A 212 -13.10 3.96 -5.49
N CYS A 213 -11.96 4.56 -5.82
CA CYS A 213 -11.54 4.59 -7.21
C CYS A 213 -11.28 3.19 -7.74
N ILE A 214 -10.66 2.34 -6.93
CA ILE A 214 -10.37 0.97 -7.35
C ILE A 214 -11.68 0.21 -7.54
N MET A 215 -12.58 0.33 -6.56
CA MET A 215 -13.84 -0.41 -6.62
C MET A 215 -14.64 -0.02 -7.86
N ALA A 216 -14.74 1.28 -8.13
CA ALA A 216 -15.41 1.76 -9.32
C ALA A 216 -14.83 1.12 -10.57
N GLU A 217 -13.50 1.05 -10.65
CA GLU A 217 -12.84 0.47 -11.81
C GLU A 217 -13.14 -1.02 -11.94
N LEU A 218 -13.17 -1.74 -10.81
CA LEU A 218 -13.49 -3.16 -10.84
C LEU A 218 -14.89 -3.40 -11.38
N LEU A 219 -15.83 -2.51 -11.03
CA LEU A 219 -17.22 -2.68 -11.45
C LEU A 219 -17.42 -2.34 -12.92
N THR A 220 -16.79 -1.26 -13.40
CA THR A 220 -17.01 -0.76 -14.75
C THR A 220 -15.99 -1.23 -15.77
N GLY A 221 -14.82 -1.68 -15.32
CA GLY A 221 -13.76 -1.98 -16.26
C GLY A 221 -13.08 -0.76 -16.84
N ARG A 222 -13.24 0.40 -16.20
CA ARG A 222 -12.68 1.66 -16.69
C ARG A 222 -12.15 2.47 -15.52
N THR A 223 -11.04 3.19 -15.76
CA THR A 223 -10.54 4.12 -14.76
C THR A 223 -11.60 5.16 -14.44
N LEU A 224 -11.81 5.41 -13.14
CA LEU A 224 -12.83 6.37 -12.74
C LEU A 224 -12.41 7.79 -13.09
N PHE A 225 -11.19 8.18 -12.73
CA PHE A 225 -10.67 9.54 -12.96
C PHE A 225 -9.37 9.48 -13.74
N PRO A 226 -9.42 9.24 -15.07
CA PRO A 226 -8.18 9.13 -15.88
C PRO A 226 -7.64 10.49 -16.31
N GLY A 227 -7.14 11.26 -15.35
CA GLY A 227 -6.63 12.58 -15.67
C GLY A 227 -5.37 12.53 -16.50
N THR A 228 -5.23 13.53 -17.38
CA THR A 228 -4.05 13.67 -18.24
C THR A 228 -2.90 14.37 -17.53
N ASP A 229 -3.19 15.14 -16.49
CA ASP A 229 -2.20 15.87 -15.72
C ASP A 229 -2.87 16.24 -14.39
N HIS A 230 -2.20 17.07 -13.59
CA HIS A 230 -2.70 17.37 -12.24
C HIS A 230 -4.01 18.11 -12.28
N ILE A 231 -4.11 19.18 -13.08
CA ILE A 231 -5.33 19.97 -13.09
C ILE A 231 -6.49 19.18 -13.68
N ASP A 232 -6.24 18.43 -14.76
CA ASP A 232 -7.28 17.58 -15.34
C ASP A 232 -7.81 16.58 -14.32
N GLN A 233 -6.92 15.98 -13.53
CA GLN A 233 -7.34 15.02 -12.50
C GLN A 233 -8.36 15.65 -11.56
N LEU A 234 -8.11 16.87 -11.11
CA LEU A 234 -9.05 17.53 -10.20
C LEU A 234 -10.35 17.89 -10.92
N LYS A 235 -10.25 18.34 -12.18
CA LYS A 235 -11.43 18.65 -12.97
C LYS A 235 -12.36 17.44 -13.04
N LEU A 236 -11.79 16.27 -13.33
CA LEU A 236 -12.60 15.06 -13.45
C LEU A 236 -13.22 14.67 -12.13
N ILE A 237 -12.50 14.85 -11.03
CA ILE A 237 -13.03 14.52 -9.72
C ILE A 237 -14.23 15.40 -9.41
N LEU A 238 -14.08 16.71 -9.61
CA LEU A 238 -15.16 17.65 -9.27
C LEU A 238 -16.40 17.42 -10.12
N ARG A 239 -16.24 16.90 -11.34
CA ARG A 239 -17.41 16.63 -12.17
C ARG A 239 -18.25 15.50 -11.61
N LEU A 240 -17.63 14.56 -10.89
CA LEU A 240 -18.40 13.48 -10.29
C LEU A 240 -18.94 13.85 -8.92
N VAL A 241 -18.09 14.39 -8.03
CA VAL A 241 -18.46 14.60 -6.64
C VAL A 241 -18.90 16.03 -6.36
N GLY A 242 -18.83 16.92 -7.35
CA GLY A 242 -19.28 18.28 -7.19
C GLY A 242 -18.20 19.20 -6.63
N THR A 243 -18.41 20.50 -6.82
CA THR A 243 -17.60 21.50 -6.18
C THR A 243 -17.88 21.51 -4.67
N PRO A 244 -16.95 22.01 -3.86
CA PRO A 244 -17.15 22.00 -2.41
C PRO A 244 -18.44 22.67 -1.99
N GLY A 245 -19.19 22.00 -1.11
CA GLY A 245 -20.39 22.56 -0.53
C GLY A 245 -20.07 23.55 0.57
N ALA A 246 -21.14 24.06 1.18
CA ALA A 246 -20.99 25.10 2.20
C ALA A 246 -20.25 24.58 3.43
N GLU A 247 -20.59 23.38 3.90
CA GLU A 247 -19.94 22.85 5.09
C GLU A 247 -18.46 22.58 4.87
N LEU A 248 -18.07 22.18 3.66
CA LEU A 248 -16.65 21.98 3.38
C LEU A 248 -15.91 23.31 3.26
N LEU A 249 -16.53 24.31 2.64
CA LEU A 249 -15.89 25.62 2.50
C LEU A 249 -15.57 26.26 3.84
N LYS A 250 -16.38 25.98 4.87
CA LYS A 250 -16.09 26.48 6.22
C LYS A 250 -14.75 25.97 6.75
N LYS A 251 -14.26 24.85 6.25
CA LYS A 251 -13.09 24.20 6.82
C LYS A 251 -11.81 24.49 6.05
N ILE A 252 -11.86 25.41 5.09
CA ILE A 252 -10.71 25.73 4.26
C ILE A 252 -10.07 27.01 4.81
N SER A 253 -8.92 26.86 5.44
CA SER A 253 -8.22 27.99 6.04
C SER A 253 -7.48 28.82 5.00
N SER A 254 -7.00 28.19 3.93
CA SER A 254 -6.23 28.87 2.89
C SER A 254 -7.09 29.92 2.18
N GLU A 255 -6.72 31.19 2.33
CA GLU A 255 -7.44 32.25 1.63
C GLU A 255 -7.32 32.10 0.12
N SER A 256 -6.17 31.60 -0.37
CA SER A 256 -5.99 31.44 -1.81
C SER A 256 -6.85 30.31 -2.35
N ALA A 257 -6.90 29.18 -1.64
CA ALA A 257 -7.75 28.07 -2.07
C ALA A 257 -9.21 28.47 -2.06
N ARG A 258 -9.66 29.17 -1.00
CA ARG A 258 -11.06 29.57 -0.91
C ARG A 258 -11.47 30.41 -2.10
N ASN A 259 -10.72 31.47 -2.39
CA ASN A 259 -11.11 32.39 -3.44
C ASN A 259 -11.11 31.73 -4.81
N TYR A 260 -10.20 30.79 -5.06
CA TYR A 260 -10.22 30.10 -6.35
C TYR A 260 -11.41 29.17 -6.45
N ILE A 261 -11.71 28.44 -5.37
CA ILE A 261 -12.81 27.48 -5.39
C ILE A 261 -14.13 28.18 -5.69
N GLN A 262 -14.41 29.27 -4.98
CA GLN A 262 -15.67 29.98 -5.17
C GLN A 262 -15.77 30.66 -6.52
N SER A 263 -14.64 30.92 -7.19
CA SER A 263 -14.67 31.51 -8.53
C SER A 263 -15.08 30.51 -9.59
N LEU A 264 -15.02 29.21 -9.30
CA LEU A 264 -15.50 28.20 -10.22
C LEU A 264 -17.03 28.18 -10.24
N THR A 265 -17.58 27.89 -11.41
CA THR A 265 -19.02 27.63 -11.50
C THR A 265 -19.37 26.39 -10.71
N GLN A 266 -20.51 26.43 -10.03
CA GLN A 266 -20.93 25.29 -9.22
C GLN A 266 -21.20 24.08 -10.11
N MET A 267 -20.55 22.97 -9.79
CA MET A 267 -20.94 21.70 -10.36
C MET A 267 -21.71 20.92 -9.32
N PRO A 268 -22.91 20.45 -9.60
CA PRO A 268 -23.61 19.62 -8.62
C PRO A 268 -22.95 18.26 -8.51
N LYS A 269 -23.14 17.62 -7.37
CA LYS A 269 -22.73 16.23 -7.23
C LYS A 269 -23.64 15.36 -8.08
N MET A 270 -23.04 14.48 -8.87
CA MET A 270 -23.83 13.58 -9.70
C MET A 270 -24.48 12.49 -8.86
N ASN A 271 -25.58 11.94 -9.38
CA ASN A 271 -26.24 10.80 -8.78
C ASN A 271 -25.47 9.55 -9.18
N PHE A 272 -24.82 8.91 -8.20
CA PHE A 272 -24.01 7.74 -8.50
C PHE A 272 -24.84 6.59 -9.05
N ALA A 273 -26.14 6.54 -8.74
CA ALA A 273 -27.00 5.50 -9.29
C ALA A 273 -27.10 5.60 -10.80
N ASN A 274 -26.96 6.80 -11.36
CA ASN A 274 -26.99 7.02 -12.80
C ASN A 274 -25.59 7.10 -13.41
N VAL A 275 -24.55 6.88 -12.61
CA VAL A 275 -23.20 6.76 -13.13
C VAL A 275 -22.78 5.29 -13.22
N PHE A 276 -23.05 4.52 -12.19
CA PHE A 276 -22.74 3.09 -12.16
C PHE A 276 -23.99 2.27 -12.44
N ILE A 277 -24.53 2.51 -13.64
CA ILE A 277 -25.74 1.85 -14.10
C ILE A 277 -25.56 0.35 -14.11
N GLY A 278 -26.53 -0.37 -13.53
CA GLY A 278 -26.48 -1.82 -13.49
C GLY A 278 -25.72 -2.41 -12.34
N ALA A 279 -25.02 -1.59 -11.56
CA ALA A 279 -24.30 -2.09 -10.41
C ALA A 279 -25.25 -2.39 -9.26
N ASN A 280 -24.83 -3.30 -8.39
CA ASN A 280 -25.47 -3.63 -7.12
C ASN A 280 -25.79 -2.32 -6.40
N PRO A 281 -27.05 -2.09 -6.04
CA PRO A 281 -27.38 -0.85 -5.30
C PRO A 281 -26.58 -0.68 -4.03
N LEU A 282 -26.16 -1.77 -3.39
CA LEU A 282 -25.30 -1.67 -2.22
C LEU A 282 -23.90 -1.21 -2.58
N ALA A 283 -23.38 -1.69 -3.72
CA ALA A 283 -22.09 -1.19 -4.20
C ALA A 283 -22.16 0.31 -4.45
N VAL A 284 -23.24 0.77 -5.08
CA VAL A 284 -23.42 2.20 -5.33
C VAL A 284 -23.47 2.97 -4.01
N ASP A 285 -24.21 2.46 -3.02
CA ASP A 285 -24.28 3.15 -1.74
C ASP A 285 -22.90 3.27 -1.10
N LEU A 286 -22.09 2.21 -1.21
CA LEU A 286 -20.77 2.24 -0.58
C LEU A 286 -19.84 3.20 -1.31
N LEU A 287 -19.92 3.23 -2.64
CA LEU A 287 -19.13 4.20 -3.41
C LEU A 287 -19.50 5.62 -3.02
N GLU A 288 -20.79 5.88 -2.79
CA GLU A 288 -21.23 7.20 -2.38
C GLU A 288 -20.64 7.60 -1.04
N LYS A 289 -20.32 6.62 -0.19
CA LYS A 289 -19.76 6.91 1.12
C LYS A 289 -18.24 6.93 1.13
N MET A 290 -17.61 6.41 0.09
CA MET A 290 -16.15 6.47 -0.05
C MET A 290 -15.70 7.71 -0.81
N LEU A 291 -16.42 8.08 -1.86
CA LEU A 291 -16.01 9.15 -2.76
C LEU A 291 -16.72 10.45 -2.41
N VAL A 292 -16.49 10.87 -1.17
CA VAL A 292 -16.97 12.14 -0.65
C VAL A 292 -15.80 13.10 -0.63
N LEU A 293 -16.02 14.32 -1.13
CA LEU A 293 -14.92 15.28 -1.22
C LEU A 293 -14.34 15.58 0.17
N ASP A 294 -15.21 15.81 1.15
CA ASP A 294 -14.79 16.10 2.51
C ASP A 294 -14.25 14.83 3.16
N SER A 295 -12.96 14.82 3.49
CA SER A 295 -12.35 13.61 4.04
C SER A 295 -12.95 13.24 5.39
N ASP A 296 -13.49 14.22 6.12
CA ASP A 296 -14.10 13.94 7.42
C ASP A 296 -15.42 13.19 7.29
N LYS A 297 -16.04 13.23 6.10
CA LYS A 297 -17.32 12.57 5.89
C LYS A 297 -17.19 11.24 5.18
N ARG A 298 -15.97 10.81 4.87
CA ARG A 298 -15.76 9.52 4.23
C ARG A 298 -15.88 8.40 5.25
N ILE A 299 -16.40 7.27 4.78
CA ILE A 299 -16.52 6.08 5.61
C ILE A 299 -15.13 5.58 5.98
N THR A 300 -15.00 5.05 7.20
CA THR A 300 -13.72 4.45 7.58
C THR A 300 -13.66 3.00 7.10
N ALA A 301 -12.48 2.40 7.22
CA ALA A 301 -12.32 1.01 6.82
C ALA A 301 -13.17 0.10 7.70
N ALA A 302 -13.16 0.32 9.01
CA ALA A 302 -13.96 -0.51 9.90
C ALA A 302 -15.45 -0.34 9.61
N GLN A 303 -15.89 0.89 9.38
CA GLN A 303 -17.29 1.12 9.03
C GLN A 303 -17.64 0.46 7.70
N ALA A 304 -16.73 0.52 6.73
CA ALA A 304 -17.00 -0.08 5.43
C ALA A 304 -17.14 -1.59 5.53
N LEU A 305 -16.34 -2.24 6.39
CA LEU A 305 -16.44 -3.68 6.55
C LEU A 305 -17.81 -4.11 7.07
N ALA A 306 -18.45 -3.26 7.85
CA ALA A 306 -19.78 -3.55 8.38
C ALA A 306 -20.89 -3.22 7.38
N HIS A 307 -20.55 -2.65 6.23
CA HIS A 307 -21.56 -2.27 5.25
C HIS A 307 -22.21 -3.51 4.65
N ALA A 308 -23.50 -3.41 4.36
CA ALA A 308 -24.26 -4.57 3.88
C ALA A 308 -23.68 -5.16 2.60
N TYR A 309 -22.91 -4.39 1.83
CA TYR A 309 -22.33 -4.91 0.59
C TYR A 309 -21.47 -6.14 0.84
N PHE A 310 -20.85 -6.25 2.01
CA PHE A 310 -19.94 -7.33 2.32
C PHE A 310 -20.56 -8.41 3.20
N ALA A 311 -21.89 -8.50 3.22
CA ALA A 311 -22.58 -9.40 4.13
C ALA A 311 -22.03 -10.83 4.08
N GLN A 312 -21.68 -11.31 2.88
CA GLN A 312 -21.30 -12.71 2.75
C GLN A 312 -19.85 -12.98 3.14
N TYR A 313 -19.06 -11.94 3.38
CA TYR A 313 -17.67 -12.10 3.80
C TYR A 313 -17.36 -11.54 5.17
N HIS A 314 -18.17 -10.61 5.67
CA HIS A 314 -17.85 -9.91 6.92
C HIS A 314 -17.88 -10.87 8.10
N ASP A 315 -16.83 -10.80 8.92
CA ASP A 315 -16.78 -11.51 10.18
C ASP A 315 -16.17 -10.56 11.20
N PRO A 316 -16.97 -9.98 12.09
CA PRO A 316 -16.45 -8.99 13.04
C PRO A 316 -15.40 -9.54 13.99
N ASP A 317 -15.27 -10.87 14.10
CA ASP A 317 -14.31 -11.50 14.98
C ASP A 317 -13.05 -11.96 14.26
N ASP A 318 -12.94 -11.69 12.96
CA ASP A 318 -11.77 -12.06 12.17
C ASP A 318 -11.35 -10.89 11.29
N GLU A 319 -11.36 -9.69 11.85
CA GLU A 319 -10.87 -8.49 11.17
C GLU A 319 -9.97 -7.77 12.16
N PRO A 320 -8.78 -8.34 12.40
CA PRO A 320 -7.98 -7.92 13.56
C PRO A 320 -7.30 -6.58 13.35
N VAL A 321 -6.88 -5.99 14.47
CA VAL A 321 -6.15 -4.74 14.47
C VAL A 321 -4.70 -5.02 14.83
N ALA A 322 -3.86 -4.01 14.63
CA ALA A 322 -2.42 -4.16 14.83
C ALA A 322 -2.02 -3.81 16.25
N ASP A 323 -0.90 -4.40 16.67
CA ASP A 323 -0.25 -3.95 17.89
C ASP A 323 0.19 -2.49 17.71
N PRO A 324 0.31 -1.75 18.81
CA PRO A 324 0.77 -0.36 18.71
C PRO A 324 2.08 -0.27 17.96
N TYR A 325 2.24 0.77 17.15
CA TYR A 325 3.40 0.91 16.27
C TYR A 325 4.13 2.21 16.62
N ASP A 326 5.30 2.07 17.25
CA ASP A 326 6.10 3.20 17.69
C ASP A 326 6.81 3.83 16.50
N GLN A 327 6.34 4.99 16.05
CA GLN A 327 6.96 5.73 14.95
C GLN A 327 7.74 6.95 15.44
N SER A 328 8.18 6.97 16.70
CA SER A 328 8.88 8.14 17.22
C SER A 328 10.22 8.35 16.54
N PHE A 329 10.80 7.32 15.92
CA PHE A 329 12.07 7.48 15.23
C PHE A 329 11.99 8.46 14.08
N GLU A 330 10.78 8.68 13.53
CA GLU A 330 10.63 9.59 12.40
C GLU A 330 11.02 11.02 12.77
N SER A 331 10.88 11.40 14.03
CA SER A 331 11.24 12.75 14.45
C SER A 331 12.73 12.91 14.74
N ARG A 332 13.50 11.84 14.74
CA ARG A 332 14.87 11.87 15.26
C ARG A 332 15.89 12.12 14.15
N ASP A 333 16.93 12.88 14.51
CA ASP A 333 18.07 13.16 13.63
C ASP A 333 19.29 12.50 14.26
N LEU A 334 19.66 11.33 13.75
CA LEU A 334 20.74 10.53 14.30
C LEU A 334 21.87 10.39 13.28
N LEU A 335 23.00 9.89 13.75
CA LEU A 335 24.15 9.64 12.89
C LEU A 335 23.95 8.33 12.13
N ILE A 336 24.73 8.18 11.04
CA ILE A 336 24.61 6.98 10.21
C ILE A 336 24.85 5.73 11.04
N ASP A 337 25.94 5.72 11.82
CA ASP A 337 26.26 4.53 12.60
C ASP A 337 25.21 4.25 13.67
N GLU A 338 24.43 5.25 14.07
CA GLU A 338 23.31 4.99 14.98
C GLU A 338 22.15 4.32 14.25
N TRP A 339 21.75 4.85 13.09
CA TRP A 339 20.70 4.17 12.31
C TRP A 339 21.13 2.77 11.93
N LYS A 340 22.41 2.59 11.59
CA LYS A 340 22.92 1.27 11.23
C LYS A 340 22.85 0.31 12.40
N SER A 341 23.18 0.80 13.61
CA SER A 341 23.15 -0.06 14.78
C SER A 341 21.72 -0.44 15.15
N LEU A 342 20.78 0.52 15.07
CA LEU A 342 19.38 0.20 15.31
C LEU A 342 18.86 -0.80 14.28
N THR A 343 19.26 -0.64 13.02
CA THR A 343 18.88 -1.61 11.99
C THR A 343 19.45 -2.99 12.31
N TYR A 344 20.72 -3.04 12.73
CA TYR A 344 21.32 -4.33 13.08
C TYR A 344 20.58 -4.99 14.23
N ASP A 345 20.17 -4.20 15.24
CA ASP A 345 19.37 -4.74 16.34
C ASP A 345 18.09 -5.41 15.82
N GLU A 346 17.45 -4.79 14.82
CA GLU A 346 16.19 -5.31 14.30
C GLU A 346 16.40 -6.59 13.49
N VAL A 347 17.55 -6.73 12.83
CA VAL A 347 17.87 -7.98 12.15
C VAL A 347 18.07 -9.09 13.17
N ILE A 348 18.87 -8.80 14.20
CA ILE A 348 19.21 -9.81 15.21
C ILE A 348 17.97 -10.29 15.94
N SER A 349 17.01 -9.40 16.18
CA SER A 349 15.84 -9.74 16.99
C SER A 349 14.70 -10.36 16.18
N PHE A 350 14.86 -10.47 14.86
CA PHE A 350 13.76 -10.94 14.02
C PHE A 350 13.39 -12.38 14.37
N VAL A 351 12.09 -12.64 14.46
CA VAL A 351 11.54 -13.96 14.72
C VAL A 351 10.65 -14.32 13.54
N PRO A 352 10.92 -15.42 12.84
CA PRO A 352 10.12 -15.77 11.67
C PRO A 352 8.68 -16.02 12.07
N PRO A 353 7.74 -15.78 11.17
CA PRO A 353 6.33 -16.05 11.47
C PRO A 353 6.05 -17.55 11.42
N PRO A 354 4.98 -18.02 12.06
CA PRO A 354 4.60 -19.43 11.96
C PRO A 354 3.76 -19.72 10.71
C1 BOG B . 4.48 4.07 2.50
O1 BOG B . 4.01 3.17 3.49
C2 BOG B . 4.99 5.41 3.12
O2 BOG B . 3.96 6.12 3.85
C3 BOG B . 5.63 6.21 2.04
O3 BOG B . 6.29 7.35 2.65
C4 BOG B . 6.70 5.35 1.36
O4 BOG B . 7.36 6.08 0.33
C5 BOG B . 6.07 4.10 0.76
O5 BOG B . 5.48 3.37 1.82
C6 BOG B . 7.13 3.25 0.08
O6 BOG B . 7.72 4.01 -0.98
C1' BOG B . 2.84 3.51 4.19
C2' BOG B . 2.35 2.26 4.88
C3' BOG B . 2.10 1.15 3.87
C4' BOG B . 1.50 0.02 4.70
C5' BOG B . 1.19 -1.23 3.87
C6' BOG B . 2.44 -1.87 3.31
C7' BOG B . 3.23 -2.31 4.54
C8' BOG B . 4.55 -2.99 4.16
C1 BOG C . -10.49 17.92 4.04
O1 BOG C . -11.29 17.23 3.10
C2 BOG C . -11.26 17.97 5.36
O2 BOG C . -12.49 18.65 5.16
C3 BOG C . -10.40 18.72 6.36
O3 BOG C . -11.09 18.81 7.61
C4 BOG C . -9.11 17.94 6.52
O4 BOG C . -8.26 18.64 7.46
C5 BOG C . -8.42 17.87 5.15
O5 BOG C . -9.26 17.20 4.21
C6 BOG C . -7.07 17.16 5.25
O6 BOG C . -7.24 15.82 5.70
C1' BOG C . -10.70 17.21 1.79
C2' BOG C . -11.26 18.42 1.01
C3' BOG C . -10.69 18.44 -0.41
C4' BOG C . -11.28 19.55 -1.31
C5' BOG C . -10.55 19.41 -2.66
C6' BOG C . -11.02 20.32 -3.80
C7' BOG C . -11.03 21.81 -3.55
C8' BOG C . -11.40 22.46 -4.90
C1 BOG D . 19.51 -26.19 7.06
O1 BOG D . 18.76 -26.25 5.89
C2 BOG D . 18.68 -26.88 8.15
O2 BOG D . 17.42 -26.24 8.32
C3 BOG D . 19.45 -26.72 9.45
O3 BOG D . 18.75 -27.46 10.46
C4 BOG D . 20.78 -27.39 9.29
O4 BOG D . 21.54 -27.06 10.50
C5 BOG D . 21.53 -26.75 8.18
O5 BOG D . 20.81 -26.87 6.93
C6 BOG D . 22.82 -27.57 8.08
O6 BOG D . 22.46 -28.95 7.93
C1' BOG D . 19.74 -26.03 4.86
C2' BOG D . 18.98 -26.56 3.67
C3' BOG D . 19.75 -26.73 2.39
C4' BOG D . 18.57 -27.23 1.53
C5' BOG D . 18.85 -27.78 0.15
C6' BOG D . 19.55 -26.95 -0.94
C7' BOG D . 19.48 -27.82 -2.20
C8' BOG D . 20.10 -29.21 -2.04
C10 GXH E . 8.28 -10.59 -10.93
C15 GXH E . 7.80 -9.95 -6.29
C17 GXH E . 8.69 -8.25 -4.80
C21 GXH E . 9.28 -7.06 -4.63
C22 GXH E . 9.92 -6.53 -3.55
C24 GXH E . 10.04 -4.76 -4.93
C28 GXH E . 10.70 -3.43 -7.56
C01 GXH E . 10.34 -15.41 -10.95
C03 GXH E . 8.70 -14.14 -11.72
C04 GXH E . 8.59 -14.12 -13.10
C05 GXH E . 8.37 -12.91 -13.77
C06 GXH E . 8.27 -11.75 -13.03
C08 GXH E . 9.26 -10.03 -14.19
C09 GXH E . 8.39 -11.76 -11.65
C11 GXH E . 7.24 -10.74 -9.84
C12 GXH E . 7.67 -9.87 -8.67
C16 GXH E . 8.44 -8.73 -6.09
C18 GXH E . 8.25 -9.02 -3.72
C19 GXH E . 7.62 -10.24 -3.93
C29 GXH E . 12.01 -3.86 -7.39
C30 GXH E . 12.76 -4.25 -8.50
C31 GXH E . 12.19 -4.22 -9.77
C32 GXH E . 10.88 -3.78 -9.93
C33 GXH E . 10.14 -3.39 -8.83
C34 GXH E . 10.22 -7.07 -2.37
C35 GXH E . 10.95 -8.26 -2.26
C36 GXH E . 11.26 -8.78 -1.02
C37 GXH E . 10.89 -8.11 0.15
C39 GXH E . 10.18 -6.91 0.05
C40 GXH E . 9.86 -6.39 -1.21
C41 GXH E . 8.60 -12.96 -10.98
F38 GXH E . 11.21 -8.63 1.38
N14 GXH E . 7.51 -10.49 -7.48
N20 GXH E . 7.41 -10.67 -5.24
N23 GXH E . 10.34 -5.28 -3.75
N26 GXH E . 10.40 -3.52 -5.27
N27 GXH E . 9.98 -3.05 -6.52
O02 GXH E . 8.92 -15.31 -11.08
O07 GXH E . 8.05 -10.52 -13.59
O13 GXH E . 8.12 -8.75 -8.88
S25 GXH E . 9.22 -5.87 -5.86
#